data_7T88
#
_entry.id   7T88
#
_cell.length_a   72.875
_cell.length_b   72.875
_cell.length_c   193.248
_cell.angle_alpha   90.000
_cell.angle_beta   90.000
_cell.angle_gamma   90.000
#
_symmetry.space_group_name_H-M   'P 41 21 2'
#
loop_
_entity.id
_entity.type
_entity.pdbx_description
1 polymer 'Phosphate acetyltransferase'
2 non-polymer 1,2-ETHANEDIOL
3 non-polymer 'POTASSIUM ION'
4 non-polymer 'CHLORIDE ION'
5 non-polymer 'PHOSPHATE ION'
6 non-polymer 'IODIDE ION'
7 non-polymer 'SODIUM ION'
8 water water
#
_entity_poly.entity_id   1
_entity_poly.type   'polypeptide(L)'
_entity_poly.pdbx_seq_one_letter_code
;SNALSPPAFRYQLTELARKAGKRIVLPEGDEPRTVKAAAICAERGIATCVLLGNPAEINRVAASQGVELGAGIEIVDPEV
VRESYVGRLVELRKNKGMTETVAREQLEDNVVLGTLMLEQDEVDGLVSGAVHTTANTIRPPLQLIKTAPGSSLVSSVFFM
LLPEQVYVYGDCAINPDPTAEQLAEIAIQSADSAAAFGIEPRVAMLSYSTGTSGAGSDVEKVREATRLAQEKRPDLMIDG
PLQYDAAVMADVAKSKAPNSPVAGRATVFIFPDLNTGNTTYKAVQRSADLISIGPMLQGMRKPVNDLSRGALVDDIVYTI
ALTAIQSAQQQ
;
_entity_poly.pdbx_strand_id   A
#
loop_
_chem_comp.id
_chem_comp.type
_chem_comp.name
_chem_comp.formula
CL non-polymer 'CHLORIDE ION' 'Cl -1'
EDO non-polymer 1,2-ETHANEDIOL 'C2 H6 O2'
IOD non-polymer 'IODIDE ION' 'I -1'
K non-polymer 'POTASSIUM ION' 'K 1'
NA non-polymer 'SODIUM ION' 'Na 1'
PO4 non-polymer 'PHOSPHATE ION' 'O4 P -3'
#
# COMPACT_ATOMS: atom_id res chain seq x y z
N LEU A 4 2.32 20.37 5.32
CA LEU A 4 2.55 19.01 5.79
C LEU A 4 4.02 18.61 5.69
N SER A 5 4.80 18.96 6.71
CA SER A 5 6.20 18.57 6.79
C SER A 5 6.30 17.07 7.06
N PRO A 6 7.48 16.47 6.86
CA PRO A 6 7.63 15.04 7.12
C PRO A 6 7.30 14.66 8.56
N PRO A 7 7.74 15.42 9.58
CA PRO A 7 7.29 15.09 10.94
C PRO A 7 5.79 15.27 11.13
N ALA A 8 5.21 16.29 10.52
CA ALA A 8 3.77 16.50 10.65
C ALA A 8 2.99 15.37 9.99
N PHE A 9 3.42 14.93 8.80
CA PHE A 9 2.73 13.83 8.14
C PHE A 9 2.87 12.54 8.93
N ARG A 10 4.06 12.27 9.48
CA ARG A 10 4.24 11.06 10.26
C ARG A 10 3.36 11.06 11.50
N TYR A 11 3.17 12.22 12.12
CA TYR A 11 2.25 12.28 13.25
C TYR A 11 0.80 12.12 12.79
N GLN A 12 0.47 12.64 11.62
CA GLN A 12 -0.88 12.47 11.10
C GLN A 12 -1.21 11.00 10.89
N LEU A 13 -0.23 10.21 10.43
CA LEU A 13 -0.44 8.76 10.34
C LEU A 13 -0.72 8.17 11.72
N THR A 14 -0.01 8.66 12.74
CA THR A 14 -0.25 8.17 14.10
C THR A 14 -1.66 8.53 14.56
N GLU A 15 -2.10 9.77 14.30
CA GLU A 15 -3.44 10.19 14.71
C GLU A 15 -4.51 9.38 13.99
N LEU A 16 -4.36 9.22 12.67
CA LEU A 16 -5.37 8.49 11.91
C LEU A 16 -5.42 7.03 12.31
N ALA A 17 -4.27 6.42 12.59
CA ALA A 17 -4.25 5.03 13.02
C ALA A 17 -4.92 4.87 14.39
N ARG A 18 -4.68 5.81 15.30
CA ARG A 18 -5.32 5.76 16.61
C ARG A 18 -6.84 5.82 16.48
N LYS A 19 -7.35 6.74 15.65
CA LYS A 19 -8.78 6.82 15.45
C LYS A 19 -9.34 5.58 14.77
N ALA A 20 -8.52 4.89 13.99
CA ALA A 20 -8.98 3.66 13.33
C ALA A 20 -9.24 2.55 14.35
N GLY A 21 -8.30 2.33 15.27
CA GLY A 21 -8.46 1.32 16.30
C GLY A 21 -8.59 -0.08 15.74
N LYS A 22 -7.58 -0.52 14.97
CA LYS A 22 -7.65 -1.74 14.20
C LYS A 22 -6.67 -2.78 14.75
N ARG A 23 -6.86 -4.01 14.29
CA ARG A 23 -6.00 -5.14 14.63
C ARG A 23 -5.25 -5.57 13.37
N ILE A 24 -3.92 -5.64 13.47
CA ILE A 24 -3.06 -5.96 12.34
C ILE A 24 -2.31 -7.24 12.67
N VAL A 25 -2.43 -8.25 11.82
CA VAL A 25 -1.75 -9.53 12.02
C VAL A 25 -0.37 -9.44 11.39
N LEU A 26 0.63 -10.00 12.08
CA LEU A 26 2.03 -9.97 11.66
C LEU A 26 2.54 -11.41 11.51
N PRO A 27 2.48 -11.98 10.31
CA PRO A 27 2.93 -13.37 10.14
C PRO A 27 4.36 -13.62 10.57
N GLU A 28 5.25 -12.63 10.45
CA GLU A 28 6.65 -12.79 10.88
C GLU A 28 6.77 -12.43 12.36
N GLY A 29 6.13 -13.28 13.18
CA GLY A 29 5.92 -12.92 14.57
C GLY A 29 7.17 -12.89 15.43
N ASP A 30 8.17 -13.70 15.08
CA ASP A 30 9.40 -13.77 15.86
C ASP A 30 10.54 -12.98 15.22
N GLU A 31 10.27 -12.24 14.16
CA GLU A 31 11.32 -11.46 13.51
C GLU A 31 11.70 -10.27 14.39
N PRO A 32 12.99 -10.05 14.66
CA PRO A 32 13.37 -9.03 15.66
C PRO A 32 12.85 -7.63 15.35
N ARG A 33 13.00 -7.17 14.10
CA ARG A 33 12.50 -5.84 13.76
C ARG A 33 10.99 -5.76 13.93
N THR A 34 10.27 -6.83 13.57
CA THR A 34 8.82 -6.82 13.65
C THR A 34 8.34 -6.86 15.11
N VAL A 35 9.03 -7.61 15.97
CA VAL A 35 8.66 -7.64 17.38
C VAL A 35 8.82 -6.26 18.00
N LYS A 36 9.91 -5.57 17.66
CA LYS A 36 10.17 -4.25 18.24
C LYS A 36 9.18 -3.22 17.71
N ALA A 37 8.79 -3.32 16.44
CA ALA A 37 7.83 -2.38 15.88
C ALA A 37 6.43 -2.61 16.44
N ALA A 38 6.06 -3.88 16.67
CA ALA A 38 4.75 -4.19 17.21
C ALA A 38 4.56 -3.57 18.58
N ALA A 39 5.59 -3.64 19.44
CA ALA A 39 5.49 -3.06 20.77
C ALA A 39 5.35 -1.54 20.73
N ILE A 40 6.00 -0.89 19.76
CA ILE A 40 5.84 0.55 19.60
C ILE A 40 4.42 0.89 19.20
N CYS A 41 3.86 0.13 18.24
CA CYS A 41 2.49 0.39 17.79
C CYS A 41 1.49 0.19 18.91
N ALA A 42 1.73 -0.79 19.79
CA ALA A 42 0.81 -1.02 20.89
C ALA A 42 0.93 0.08 21.95
N GLU A 43 2.15 0.47 22.30
CA GLU A 43 2.33 1.49 23.32
C GLU A 43 1.86 2.86 22.85
N ARG A 44 2.03 3.16 21.56
CA ARG A 44 1.61 4.45 21.02
C ARG A 44 0.15 4.44 20.56
N GLY A 45 -0.52 3.30 20.61
CA GLY A 45 -1.90 3.22 20.17
C GLY A 45 -2.08 3.18 18.67
N ILE A 46 -1.03 2.85 17.92
CA ILE A 46 -1.14 2.83 16.45
C ILE A 46 -2.00 1.67 15.99
N ALA A 47 -1.87 0.51 16.63
CA ALA A 47 -2.67 -0.66 16.28
C ALA A 47 -2.46 -1.73 17.33
N THR A 48 -3.46 -2.61 17.45
CA THR A 48 -3.27 -3.87 18.15
C THR A 48 -2.58 -4.84 17.20
N CYS A 49 -1.44 -5.38 17.61
CA CYS A 49 -0.62 -6.22 16.75
C CYS A 49 -0.76 -7.68 17.16
N VAL A 50 -1.12 -8.52 16.20
CA VAL A 50 -1.27 -9.95 16.43
C VAL A 50 -0.05 -10.64 15.84
N LEU A 51 0.81 -11.17 16.71
CA LEU A 51 2.05 -11.80 16.30
C LEU A 51 1.84 -13.30 16.13
N LEU A 52 2.20 -13.82 14.96
CA LEU A 52 2.09 -15.24 14.65
C LEU A 52 3.43 -15.90 14.88
N GLY A 53 3.52 -16.73 15.91
CA GLY A 53 4.75 -17.43 16.21
C GLY A 53 4.64 -18.14 17.55
N ASN A 54 5.76 -18.73 17.94
CA ASN A 54 5.84 -19.43 19.22
C ASN A 54 5.86 -18.41 20.35
N PRO A 55 4.92 -18.47 21.30
CA PRO A 55 4.91 -17.49 22.41
C PRO A 55 6.22 -17.41 23.16
N ALA A 56 6.87 -18.56 23.41
CA ALA A 56 8.13 -18.54 24.12
C ALA A 56 9.21 -17.84 23.31
N GLU A 57 9.31 -18.17 22.01
CA GLU A 57 10.34 -17.58 21.17
C GLU A 57 10.13 -16.08 20.99
N ILE A 58 8.87 -15.67 20.78
CA ILE A 58 8.58 -14.24 20.61
C ILE A 58 8.94 -13.47 21.86
N ASN A 59 8.63 -14.04 23.03
CA ASN A 59 8.99 -13.37 24.28
C ASN A 59 10.49 -13.34 24.51
N ARG A 60 11.20 -14.37 24.04
CA ARG A 60 12.66 -14.33 24.13
C ARG A 60 13.23 -13.29 23.18
N VAL A 61 12.68 -13.18 21.97
CA VAL A 61 13.12 -12.14 21.05
C VAL A 61 12.77 -10.77 21.60
N ALA A 62 11.58 -10.62 22.18
CA ALA A 62 11.18 -9.34 22.77
C ALA A 62 12.10 -8.96 23.91
N ALA A 63 12.43 -9.91 24.79
CA ALA A 63 13.34 -9.63 25.89
C ALA A 63 14.75 -9.35 25.38
N SER A 64 15.13 -9.93 24.25
CA SER A 64 16.46 -9.70 23.68
C SER A 64 16.61 -8.30 23.10
N GLN A 65 15.54 -7.51 23.06
CA GLN A 65 15.61 -6.15 22.51
C GLN A 65 15.07 -5.10 23.47
N GLY A 66 15.03 -5.41 24.77
CA GLY A 66 14.58 -4.47 25.77
C GLY A 66 13.17 -3.96 25.52
N VAL A 67 12.24 -4.89 25.29
CA VAL A 67 10.87 -4.56 24.90
C VAL A 67 9.92 -5.47 25.65
N GLU A 68 8.88 -4.89 26.24
CA GLU A 68 7.84 -5.66 26.91
C GLU A 68 6.60 -5.72 26.02
N LEU A 69 5.90 -6.85 26.07
CA LEU A 69 4.71 -7.08 25.27
C LEU A 69 3.51 -7.10 26.22
N GLY A 70 2.92 -5.94 26.45
CA GLY A 70 1.76 -5.78 27.30
C GLY A 70 0.48 -5.72 26.49
N ALA A 71 -0.44 -4.86 26.94
CA ALA A 71 -1.71 -4.70 26.24
C ALA A 71 -1.47 -4.21 24.81
N GLY A 72 -2.37 -4.62 23.92
CA GLY A 72 -2.21 -4.32 22.51
C GLY A 72 -1.38 -5.32 21.74
N ILE A 73 -0.71 -6.24 22.43
CA ILE A 73 0.05 -7.32 21.80
C ILE A 73 -0.68 -8.64 22.08
N GLU A 74 -0.99 -9.37 21.02
CA GLU A 74 -1.64 -10.67 21.13
C GLU A 74 -0.84 -11.67 20.33
N ILE A 75 -0.27 -12.67 21.02
CA ILE A 75 0.53 -13.70 20.37
C ILE A 75 -0.37 -14.90 20.06
N VAL A 76 -0.27 -15.41 18.85
CA VAL A 76 -1.03 -16.59 18.43
C VAL A 76 -0.04 -17.66 18.00
N ASP A 77 -0.09 -18.81 18.67
CA ASP A 77 0.77 -19.94 18.34
C ASP A 77 0.19 -20.67 17.13
N PRO A 78 0.89 -20.66 15.99
CA PRO A 78 0.36 -21.34 14.80
C PRO A 78 0.12 -22.83 15.01
N GLU A 79 0.94 -23.50 15.82
CA GLU A 79 0.74 -24.93 16.03
C GLU A 79 -0.59 -25.23 16.70
N VAL A 80 -1.10 -24.31 17.51
CA VAL A 80 -2.34 -24.55 18.24
C VAL A 80 -3.56 -24.39 17.32
N VAL A 81 -3.58 -23.33 16.52
CA VAL A 81 -4.80 -22.92 15.82
C VAL A 81 -4.79 -23.31 14.36
N ARG A 82 -3.70 -23.89 13.85
CA ARG A 82 -3.59 -24.15 12.41
C ARG A 82 -4.72 -25.04 11.90
N GLU A 83 -5.00 -26.14 12.61
CA GLU A 83 -5.98 -27.10 12.14
C GLU A 83 -7.39 -26.52 12.08
N SER A 84 -7.69 -25.54 12.93
CA SER A 84 -9.03 -24.97 12.95
C SER A 84 -9.35 -24.18 11.68
N TYR A 85 -8.34 -23.81 10.90
CA TYR A 85 -8.55 -23.08 9.65
C TYR A 85 -8.48 -23.96 8.42
N VAL A 86 -8.18 -25.25 8.59
CA VAL A 86 -8.02 -26.14 7.44
C VAL A 86 -9.34 -26.26 6.68
N GLY A 87 -10.44 -26.51 7.41
CA GLY A 87 -11.73 -26.65 6.76
C GLY A 87 -12.16 -25.40 6.01
N ARG A 88 -11.82 -24.22 6.54
CA ARG A 88 -12.16 -22.98 5.87
C ARG A 88 -11.38 -22.82 4.56
N LEU A 89 -10.10 -23.16 4.58
CA LEU A 89 -9.29 -23.06 3.37
C LEU A 89 -9.77 -24.04 2.30
N VAL A 90 -10.14 -25.26 2.71
CA VAL A 90 -10.69 -26.23 1.77
C VAL A 90 -11.96 -25.69 1.14
N GLU A 91 -12.83 -25.09 1.96
CA GLU A 91 -14.07 -24.53 1.44
C GLU A 91 -13.80 -23.36 0.49
N LEU A 92 -12.75 -22.60 0.74
CA LEU A 92 -12.48 -21.42 -0.08
C LEU A 92 -11.91 -21.79 -1.44
N ARG A 93 -11.19 -22.91 -1.53
CA ARG A 93 -10.50 -23.29 -2.77
C ARG A 93 -10.95 -24.66 -3.27
N LYS A 94 -12.17 -25.07 -2.90
CA LYS A 94 -12.64 -26.41 -3.27
C LYS A 94 -12.73 -26.57 -4.79
N ASN A 95 -13.09 -25.51 -5.50
CA ASN A 95 -13.22 -25.58 -6.94
C ASN A 95 -11.88 -25.53 -7.67
N LYS A 96 -10.81 -25.15 -6.99
CA LYS A 96 -9.47 -25.17 -7.55
C LYS A 96 -8.70 -26.43 -7.19
N GLY A 97 -9.37 -27.42 -6.60
CA GLY A 97 -8.72 -28.68 -6.27
C GLY A 97 -8.10 -28.75 -4.90
N MET A 98 -8.55 -27.92 -3.95
CA MET A 98 -7.98 -27.93 -2.61
C MET A 98 -8.42 -29.18 -1.86
N THR A 99 -7.46 -29.87 -1.25
CA THR A 99 -7.74 -31.00 -0.39
C THR A 99 -7.33 -30.66 1.05
N GLU A 100 -7.77 -31.49 1.98
CA GLU A 100 -7.45 -31.28 3.39
C GLU A 100 -5.94 -31.36 3.61
N THR A 101 -5.27 -32.30 2.95
CA THR A 101 -3.82 -32.43 3.13
C THR A 101 -3.08 -31.25 2.52
N VAL A 102 -3.51 -30.79 1.34
CA VAL A 102 -2.87 -29.64 0.71
C VAL A 102 -3.14 -28.37 1.52
N ALA A 103 -4.37 -28.20 2.00
CA ALA A 103 -4.69 -27.04 2.82
C ALA A 103 -3.83 -26.99 4.06
N ARG A 104 -3.62 -28.14 4.71
CA ARG A 104 -2.75 -28.17 5.89
C ARG A 104 -1.31 -27.81 5.52
N GLU A 105 -0.85 -28.22 4.34
CA GLU A 105 0.49 -27.85 3.89
C GLU A 105 0.60 -26.33 3.68
N GLN A 106 -0.42 -25.72 3.08
CA GLN A 106 -0.38 -24.28 2.86
C GLN A 106 -0.38 -23.51 4.17
N LEU A 107 -1.08 -24.03 5.19
CA LEU A 107 -1.21 -23.34 6.47
C LEU A 107 0.05 -23.40 7.31
N GLU A 108 1.10 -24.09 6.85
CA GLU A 108 2.40 -23.99 7.53
C GLU A 108 3.02 -22.62 7.35
N ASP A 109 2.67 -21.91 6.28
CA ASP A 109 3.13 -20.54 6.05
C ASP A 109 2.26 -19.59 6.86
N ASN A 110 2.89 -18.80 7.73
CA ASN A 110 2.16 -17.89 8.61
C ASN A 110 1.38 -16.83 7.82
N VAL A 111 1.82 -16.51 6.60
CA VAL A 111 1.08 -15.54 5.80
C VAL A 111 -0.26 -16.11 5.38
N VAL A 112 -0.30 -17.41 5.03
CA VAL A 112 -1.57 -18.06 4.72
C VAL A 112 -2.46 -18.08 5.95
N LEU A 113 -1.88 -18.38 7.12
CA LEU A 113 -2.66 -18.40 8.35
C LEU A 113 -3.22 -17.02 8.67
N GLY A 114 -2.38 -15.99 8.58
CA GLY A 114 -2.85 -14.63 8.81
C GLY A 114 -3.87 -14.17 7.81
N THR A 115 -3.74 -14.62 6.55
CA THR A 115 -4.73 -14.30 5.53
C THR A 115 -6.08 -14.92 5.85
N LEU A 116 -6.09 -16.16 6.35
CA LEU A 116 -7.34 -16.79 6.73
C LEU A 116 -7.94 -16.12 7.97
N MET A 117 -7.09 -15.68 8.90
CA MET A 117 -7.58 -14.84 9.99
C MET A 117 -8.18 -13.55 9.45
N LEU A 118 -7.53 -12.95 8.45
CA LEU A 118 -8.07 -11.74 7.82
C LEU A 118 -9.39 -12.04 7.14
N GLU A 119 -9.50 -13.17 6.44
CA GLU A 119 -10.73 -13.52 5.76
C GLU A 119 -11.85 -13.82 6.73
N GLN A 120 -11.52 -14.36 7.90
CA GLN A 120 -12.49 -14.65 8.94
C GLN A 120 -12.87 -13.43 9.76
N ASP A 121 -12.45 -12.24 9.33
CA ASP A 121 -12.73 -10.98 10.04
C ASP A 121 -12.26 -11.03 11.49
N GLU A 122 -11.23 -11.82 11.76
CA GLU A 122 -10.62 -11.87 13.09
C GLU A 122 -9.57 -10.79 13.28
N VAL A 123 -8.96 -10.30 12.18
CA VAL A 123 -8.09 -9.14 12.20
C VAL A 123 -8.54 -8.21 11.07
N ASP A 124 -7.91 -7.03 11.02
CA ASP A 124 -8.31 -6.00 10.06
C ASP A 124 -7.30 -5.80 8.93
N GLY A 125 -6.06 -6.22 9.09
CA GLY A 125 -5.06 -6.05 8.06
C GLY A 125 -3.86 -6.94 8.33
N LEU A 126 -3.01 -7.07 7.32
CA LEU A 126 -1.85 -7.94 7.39
C LEU A 126 -0.62 -7.19 6.88
N VAL A 127 0.49 -7.35 7.59
CA VAL A 127 1.78 -6.79 7.19
C VAL A 127 2.84 -7.87 7.35
N SER A 128 3.65 -8.06 6.31
CA SER A 128 4.73 -9.03 6.34
C SER A 128 5.78 -8.61 5.31
N GLY A 129 6.80 -9.44 5.13
CA GLY A 129 7.78 -9.24 4.09
C GLY A 129 9.14 -8.79 4.56
N ALA A 130 9.36 -8.64 5.86
CA ALA A 130 10.69 -8.22 6.33
C ALA A 130 11.74 -9.28 6.05
N VAL A 131 11.35 -10.55 6.01
CA VAL A 131 12.29 -11.65 5.75
C VAL A 131 11.70 -12.58 4.70
N HIS A 132 10.87 -12.05 3.81
CA HIS A 132 10.27 -12.84 2.74
C HIS A 132 10.16 -11.98 1.50
N THR A 133 9.83 -12.64 0.39
CA THR A 133 9.66 -11.93 -0.87
C THR A 133 8.29 -11.24 -0.92
N THR A 134 8.17 -10.28 -1.83
CA THR A 134 6.89 -9.59 -2.01
C THR A 134 5.81 -10.56 -2.45
N ALA A 135 6.14 -11.49 -3.35
CA ALA A 135 5.16 -12.48 -3.79
C ALA A 135 4.64 -13.31 -2.63
N ASN A 136 5.53 -13.68 -1.70
CA ASN A 136 5.11 -14.45 -0.53
C ASN A 136 4.09 -13.70 0.31
N THR A 137 4.21 -12.38 0.38
CA THR A 137 3.27 -11.60 1.19
C THR A 137 1.91 -11.51 0.52
N ILE A 138 1.88 -11.28 -0.79
CA ILE A 138 0.65 -10.85 -1.46
C ILE A 138 -0.11 -11.99 -2.15
N ARG A 139 0.54 -13.11 -2.45
CA ARG A 139 -0.16 -14.18 -3.17
C ARG A 139 -1.34 -14.75 -2.40
N PRO A 140 -1.24 -15.09 -1.11
CA PRO A 140 -2.42 -15.63 -0.40
C PRO A 140 -3.55 -14.62 -0.34
N PRO A 141 -3.31 -13.35 0.03
CA PRO A 141 -4.41 -12.37 -0.03
C PRO A 141 -5.00 -12.23 -1.43
N LEU A 142 -4.17 -12.24 -2.47
CA LEU A 142 -4.69 -12.15 -3.83
C LEU A 142 -5.58 -13.34 -4.16
N GLN A 143 -5.25 -14.53 -3.64
CA GLN A 143 -6.06 -15.71 -3.90
C GLN A 143 -7.32 -15.75 -3.04
N LEU A 144 -7.22 -15.29 -1.79
CA LEU A 144 -8.28 -15.48 -0.81
C LEU A 144 -9.07 -14.21 -0.51
N ILE A 145 -8.38 -13.08 -0.35
CA ILE A 145 -9.07 -11.83 -0.04
C ILE A 145 -9.64 -11.19 -1.29
N LYS A 146 -8.92 -11.29 -2.41
CA LYS A 146 -9.32 -10.76 -3.71
C LYS A 146 -9.36 -9.23 -3.71
N THR A 147 -9.76 -8.65 -4.84
CA THR A 147 -9.75 -7.21 -5.00
C THR A 147 -11.01 -6.58 -4.45
N ALA A 148 -10.93 -5.30 -4.13
CA ALA A 148 -12.07 -4.55 -3.66
C ALA A 148 -13.10 -4.39 -4.77
N PRO A 149 -14.37 -4.16 -4.43
CA PRO A 149 -15.38 -3.90 -5.45
C PRO A 149 -15.04 -2.63 -6.23
N GLY A 150 -15.19 -2.71 -7.56
CA GLY A 150 -14.79 -1.63 -8.44
C GLY A 150 -13.34 -1.69 -8.88
N SER A 151 -12.54 -2.58 -8.31
CA SER A 151 -11.15 -2.75 -8.68
C SER A 151 -10.96 -4.10 -9.34
N SER A 152 -10.25 -4.11 -10.48
CA SER A 152 -9.89 -5.33 -11.17
C SER A 152 -8.43 -5.70 -10.99
N LEU A 153 -7.67 -4.90 -10.26
CA LEU A 153 -6.25 -5.15 -10.06
C LEU A 153 -5.80 -4.47 -8.78
N VAL A 154 -4.61 -4.83 -8.33
CA VAL A 154 -3.96 -4.19 -7.20
C VAL A 154 -2.80 -3.36 -7.72
N SER A 155 -2.64 -2.15 -7.20
CA SER A 155 -1.54 -1.28 -7.57
C SER A 155 -0.90 -0.79 -6.27
N SER A 156 -0.10 0.27 -6.37
CA SER A 156 0.62 0.77 -5.20
C SER A 156 0.96 2.24 -5.40
N VAL A 157 1.26 2.90 -4.27
CA VAL A 157 1.70 4.29 -4.26
C VAL A 157 2.84 4.45 -3.26
N PHE A 158 3.66 5.47 -3.50
CA PHE A 158 4.63 5.97 -2.54
C PHE A 158 4.20 7.35 -2.06
N PHE A 159 4.30 7.60 -0.76
CA PHE A 159 4.13 8.93 -0.22
C PHE A 159 5.49 9.64 -0.25
N MET A 160 5.56 10.76 -0.97
CA MET A 160 6.81 11.50 -1.14
C MET A 160 6.77 12.70 -0.20
N LEU A 161 7.60 12.67 0.83
CA LEU A 161 7.56 13.67 1.90
C LEU A 161 8.52 14.81 1.56
N LEU A 162 7.99 15.84 0.91
CA LEU A 162 8.73 17.05 0.63
C LEU A 162 8.81 17.90 1.90
N PRO A 163 9.67 18.93 1.93
CA PRO A 163 9.82 19.72 3.15
C PRO A 163 8.53 20.31 3.70
N GLU A 164 7.58 20.68 2.84
CA GLU A 164 6.36 21.33 3.30
C GLU A 164 5.08 20.74 2.72
N GLN A 165 5.17 19.65 1.96
CA GLN A 165 3.99 19.04 1.36
C GLN A 165 4.29 17.58 1.08
N VAL A 166 3.25 16.82 0.80
CA VAL A 166 3.35 15.39 0.50
C VAL A 166 2.78 15.14 -0.89
N TYR A 167 3.55 14.49 -1.74
CA TYR A 167 3.10 14.03 -3.05
C TYR A 167 2.82 12.54 -3.02
N VAL A 168 2.01 12.09 -3.98
CA VAL A 168 1.69 10.67 -4.13
C VAL A 168 2.16 10.22 -5.51
N TYR A 169 3.00 9.20 -5.53
CA TYR A 169 3.55 8.61 -6.75
C TYR A 169 2.98 7.21 -6.94
N GLY A 170 2.63 6.86 -8.18
CA GLY A 170 2.22 5.49 -8.48
C GLY A 170 1.93 5.34 -9.97
N ASP A 171 1.97 4.08 -10.41
CA ASP A 171 2.37 2.93 -9.62
C ASP A 171 3.83 2.66 -9.89
N CYS A 172 4.66 2.76 -8.85
CA CYS A 172 6.11 2.69 -9.00
C CYS A 172 6.69 1.38 -8.47
N ALA A 173 5.87 0.34 -8.31
CA ALA A 173 6.36 -0.91 -7.74
C ALA A 173 5.76 -2.17 -8.36
N ILE A 174 4.47 -2.14 -8.70
CA ILE A 174 3.74 -3.38 -8.99
C ILE A 174 3.56 -3.64 -10.48
N ASN A 175 2.69 -2.86 -11.13
CA ASN A 175 2.20 -3.20 -12.47
C ASN A 175 3.18 -2.77 -13.56
N PRO A 176 3.79 -3.72 -14.27
CA PRO A 176 4.80 -3.35 -15.28
C PRO A 176 4.27 -2.49 -16.40
N ASP A 177 3.20 -2.92 -17.08
CA ASP A 177 2.69 -2.23 -18.26
C ASP A 177 1.17 -2.17 -18.22
N PRO A 178 0.61 -1.21 -17.49
CA PRO A 178 -0.85 -1.12 -17.41
C PRO A 178 -1.45 -0.75 -18.75
N THR A 179 -2.60 -1.36 -19.04
CA THR A 179 -3.39 -0.91 -20.17
C THR A 179 -4.03 0.44 -19.86
N ALA A 180 -4.71 1.01 -20.85
CA ALA A 180 -5.42 2.27 -20.63
C ALA A 180 -6.45 2.12 -19.51
N GLU A 181 -7.24 1.04 -19.56
CA GLU A 181 -8.24 0.80 -18.53
C GLU A 181 -7.60 0.62 -17.16
N GLN A 182 -6.53 -0.17 -17.08
CA GLN A 182 -5.85 -0.38 -15.82
C GLN A 182 -5.23 0.91 -15.30
N LEU A 183 -4.68 1.72 -16.20
CA LEU A 183 -4.04 2.97 -15.77
C LEU A 183 -5.06 3.94 -15.19
N ALA A 184 -6.25 4.02 -15.79
CA ALA A 184 -7.32 4.83 -15.23
C ALA A 184 -7.72 4.32 -13.85
N GLU A 185 -7.72 2.99 -13.68
CA GLU A 185 -8.04 2.40 -12.39
C GLU A 185 -6.95 2.71 -11.36
N ILE A 186 -5.69 2.69 -11.78
CA ILE A 186 -4.59 3.06 -10.87
C ILE A 186 -4.72 4.51 -10.45
N ALA A 187 -5.09 5.38 -11.38
CA ALA A 187 -5.24 6.80 -11.05
C ALA A 187 -6.34 7.03 -10.04
N ILE A 188 -7.46 6.32 -10.18
CA ILE A 188 -8.57 6.50 -9.25
C ILE A 188 -8.23 5.93 -7.88
N GLN A 189 -7.61 4.74 -7.85
CA GLN A 189 -7.17 4.17 -6.57
C GLN A 189 -6.20 5.09 -5.86
N SER A 190 -5.26 5.67 -6.60
CA SER A 190 -4.25 6.53 -6.00
C SER A 190 -4.85 7.82 -5.47
N ALA A 191 -5.85 8.37 -6.15
CA ALA A 191 -6.49 9.58 -5.66
C ALA A 191 -7.32 9.31 -4.41
N ASP A 192 -7.99 8.16 -4.36
CA ASP A 192 -8.72 7.79 -3.16
C ASP A 192 -7.76 7.56 -1.99
N SER A 193 -6.60 6.94 -2.26
CA SER A 193 -5.60 6.79 -1.20
C SER A 193 -5.13 8.15 -0.70
N ALA A 194 -4.86 9.08 -1.63
CA ALA A 194 -4.38 10.40 -1.24
C ALA A 194 -5.38 11.10 -0.33
N ALA A 195 -6.65 11.12 -0.72
CA ALA A 195 -7.67 11.80 0.07
C ALA A 195 -7.82 11.15 1.45
N ALA A 196 -7.71 9.82 1.52
CA ALA A 196 -7.84 9.13 2.79
C ALA A 196 -6.70 9.46 3.74
N PHE A 197 -5.55 9.90 3.23
CA PHE A 197 -4.40 10.24 4.05
C PHE A 197 -4.17 11.74 4.12
N GLY A 198 -5.23 12.53 3.90
CA GLY A 198 -5.17 13.96 4.10
C GLY A 198 -4.49 14.75 2.99
N ILE A 199 -4.59 14.29 1.75
CA ILE A 199 -3.95 14.94 0.62
C ILE A 199 -5.02 15.22 -0.44
N GLU A 200 -5.21 16.49 -0.75
CA GLU A 200 -6.16 16.87 -1.79
C GLU A 200 -5.69 16.34 -3.14
N PRO A 201 -6.44 15.44 -3.79
CA PRO A 201 -5.94 14.80 -5.01
C PRO A 201 -6.11 15.71 -6.22
N ARG A 202 -4.99 16.11 -6.81
CA ARG A 202 -4.96 16.72 -8.14
C ARG A 202 -4.07 15.83 -9.00
N VAL A 203 -4.69 15.06 -9.88
CA VAL A 203 -4.07 13.90 -10.51
C VAL A 203 -3.48 14.30 -11.85
N ALA A 204 -2.17 14.14 -11.99
CA ALA A 204 -1.47 14.37 -13.25
C ALA A 204 -1.15 13.02 -13.88
N MET A 205 -1.65 12.80 -15.09
CA MET A 205 -1.36 11.60 -15.85
C MET A 205 -0.12 11.87 -16.70
N LEU A 206 1.01 11.28 -16.31
CA LEU A 206 2.30 11.70 -16.84
C LEU A 206 2.62 11.05 -18.17
N SER A 207 3.37 11.80 -18.99
CA SER A 207 3.76 11.36 -20.33
C SER A 207 4.95 12.19 -20.76
N TYR A 208 5.59 11.75 -21.85
CA TYR A 208 6.60 12.63 -22.46
C TYR A 208 5.97 13.74 -23.27
N SER A 209 4.65 13.74 -23.41
CA SER A 209 3.93 14.78 -24.12
C SER A 209 3.08 15.60 -23.16
N THR A 210 3.10 16.92 -23.32
CA THR A 210 2.15 17.81 -22.68
C THR A 210 1.05 18.09 -23.69
N GLY A 211 -0.13 17.55 -23.47
CA GLY A 211 -1.21 17.71 -24.44
C GLY A 211 -0.83 17.03 -25.74
N THR A 212 -0.71 17.82 -26.81
CA THR A 212 -0.36 17.30 -28.12
C THR A 212 1.09 17.66 -28.52
N SER A 213 1.93 18.01 -27.55
CA SER A 213 3.32 18.33 -27.88
C SER A 213 4.04 17.12 -28.47
N GLY A 214 3.60 15.91 -28.13
CA GLY A 214 4.14 14.71 -28.73
C GLY A 214 3.02 13.76 -29.11
N ALA A 215 3.31 12.91 -30.10
CA ALA A 215 2.35 11.96 -30.62
C ALA A 215 2.93 10.56 -30.57
N GLY A 216 2.04 9.57 -30.65
CA GLY A 216 2.44 8.19 -30.59
C GLY A 216 1.51 7.33 -29.74
N SER A 217 1.64 6.01 -29.85
CA SER A 217 0.76 5.11 -29.11
C SER A 217 0.92 5.29 -27.61
N ASP A 218 2.13 5.58 -27.15
CA ASP A 218 2.35 5.77 -25.71
C ASP A 218 1.58 6.98 -25.19
N VAL A 219 1.52 8.05 -25.98
CA VAL A 219 0.80 9.24 -25.55
C VAL A 219 -0.70 8.99 -25.55
N GLU A 220 -1.19 8.25 -26.55
CA GLU A 220 -2.63 8.00 -26.64
C GLU A 220 -3.13 7.14 -25.48
N LYS A 221 -2.29 6.23 -24.97
CA LYS A 221 -2.71 5.42 -23.83
C LYS A 221 -2.98 6.30 -22.61
N VAL A 222 -2.11 7.27 -22.36
CA VAL A 222 -2.33 8.19 -21.24
C VAL A 222 -3.57 9.04 -21.49
N ARG A 223 -3.78 9.45 -22.74
CA ARG A 223 -4.98 10.21 -23.08
C ARG A 223 -6.25 9.38 -22.88
N GLU A 224 -6.21 8.11 -23.28
CA GLU A 224 -7.35 7.23 -23.06
C GLU A 224 -7.60 7.04 -21.56
N ALA A 225 -6.55 6.74 -20.80
CA ALA A 225 -6.69 6.52 -19.36
C ALA A 225 -7.22 7.78 -18.67
N THR A 226 -6.79 8.95 -19.13
CA THR A 226 -7.30 10.20 -18.56
C THR A 226 -8.81 10.31 -18.77
N ARG A 227 -9.28 10.08 -19.99
CA ARG A 227 -10.70 10.19 -20.27
C ARG A 227 -11.50 9.12 -19.55
N LEU A 228 -10.99 7.89 -19.52
CA LEU A 228 -11.70 6.81 -18.83
C LEU A 228 -11.82 7.09 -17.35
N ALA A 229 -10.75 7.59 -16.73
CA ALA A 229 -10.80 7.91 -15.30
C ALA A 229 -11.77 9.05 -15.02
N GLN A 230 -11.80 10.05 -15.91
CA GLN A 230 -12.75 11.15 -15.75
C GLN A 230 -14.18 10.67 -15.92
N GLU A 231 -14.40 9.64 -16.74
CA GLU A 231 -15.75 9.12 -16.93
C GLU A 231 -16.28 8.46 -15.66
N LYS A 232 -15.46 7.62 -15.02
CA LYS A 232 -15.91 6.92 -13.83
C LYS A 232 -15.99 7.84 -12.62
N ARG A 233 -15.14 8.86 -12.56
CA ARG A 233 -15.07 9.76 -11.42
C ARG A 233 -15.09 11.20 -11.93
N PRO A 234 -16.28 11.74 -12.24
CA PRO A 234 -16.35 13.14 -12.69
C PRO A 234 -16.02 14.14 -11.60
N ASP A 235 -16.03 13.73 -10.34
CA ASP A 235 -15.72 14.62 -9.22
C ASP A 235 -14.22 14.86 -9.04
N LEU A 236 -13.38 13.97 -9.56
N LEU A 236 -13.38 13.99 -9.59
CA LEU A 236 -11.95 14.07 -9.33
CA LEU A 236 -11.95 14.05 -9.35
C LEU A 236 -11.29 15.00 -10.33
C LEU A 236 -11.27 14.98 -10.34
N MET A 237 -10.26 15.70 -9.87
CA MET A 237 -9.46 16.60 -10.71
C MET A 237 -8.34 15.79 -11.33
N ILE A 238 -8.53 15.40 -12.59
CA ILE A 238 -7.55 14.63 -13.34
C ILE A 238 -7.25 15.37 -14.63
N ASP A 239 -5.99 15.32 -15.07
CA ASP A 239 -5.64 15.87 -16.37
C ASP A 239 -4.42 15.14 -16.91
N GLY A 240 -4.35 15.07 -18.24
CA GLY A 240 -3.27 14.39 -18.92
C GLY A 240 -3.51 14.39 -20.41
N PRO A 241 -2.46 14.10 -21.20
CA PRO A 241 -1.10 13.84 -20.72
C PRO A 241 -0.35 15.10 -20.32
N LEU A 242 0.56 14.97 -19.37
CA LEU A 242 1.35 16.10 -18.89
C LEU A 242 2.79 15.63 -18.66
N GLN A 243 3.75 16.41 -19.13
CA GLN A 243 5.12 16.21 -18.71
C GLN A 243 5.27 16.59 -17.24
N TYR A 244 6.36 16.12 -16.62
CA TYR A 244 6.52 16.32 -15.18
C TYR A 244 6.65 17.79 -14.84
N ASP A 245 7.38 18.56 -15.66
CA ASP A 245 7.57 19.97 -15.33
C ASP A 245 6.26 20.74 -15.45
N ALA A 246 5.41 20.37 -16.41
CA ALA A 246 4.10 21.00 -16.53
C ALA A 246 3.20 20.68 -15.33
N ALA A 247 3.43 19.55 -14.67
CA ALA A 247 2.58 19.14 -13.56
C ALA A 247 2.90 19.91 -12.28
N VAL A 248 4.14 20.35 -12.09
CA VAL A 248 4.56 20.93 -10.82
C VAL A 248 4.89 22.42 -10.92
N MET A 249 5.11 22.96 -12.11
CA MET A 249 5.55 24.34 -12.27
C MET A 249 4.42 25.16 -12.88
N ALA A 250 4.00 26.21 -12.17
CA ALA A 250 2.91 27.05 -12.65
C ALA A 250 3.31 27.82 -13.91
N ASP A 251 4.59 28.20 -14.03
CA ASP A 251 5.04 28.91 -15.22
C ASP A 251 4.96 28.02 -16.45
N VAL A 252 5.44 26.76 -16.33
CA VAL A 252 5.32 25.83 -17.44
C VAL A 252 3.85 25.53 -17.73
N ALA A 253 3.04 25.41 -16.69
CA ALA A 253 1.62 25.17 -16.86
C ALA A 253 0.95 26.30 -17.64
N LYS A 254 1.28 27.54 -17.28
CA LYS A 254 0.65 28.68 -17.95
C LYS A 254 1.03 28.77 -19.43
N SER A 255 2.15 28.16 -19.83
CA SER A 255 2.62 28.23 -21.20
C SER A 255 2.24 27.02 -22.03
N LYS A 256 2.13 25.84 -21.44
CA LYS A 256 1.88 24.62 -22.20
C LYS A 256 0.52 23.98 -21.92
N ALA A 257 -0.14 24.35 -20.83
CA ALA A 257 -1.44 23.79 -20.48
C ALA A 257 -2.21 24.78 -19.62
N PRO A 258 -2.60 25.92 -20.21
CA PRO A 258 -3.21 26.99 -19.38
C PRO A 258 -4.64 26.73 -18.97
N ASN A 259 -5.37 25.89 -19.70
CA ASN A 259 -6.73 25.53 -19.35
C ASN A 259 -6.80 24.35 -18.40
N SER A 260 -5.66 23.92 -17.84
CA SER A 260 -5.60 22.70 -17.05
C SER A 260 -5.88 22.99 -15.58
N PRO A 261 -6.82 22.27 -14.95
CA PRO A 261 -7.07 22.44 -13.52
C PRO A 261 -6.07 21.72 -12.64
N VAL A 262 -5.14 20.96 -13.21
CA VAL A 262 -4.16 20.20 -12.45
C VAL A 262 -2.74 20.73 -12.68
N ALA A 263 -2.41 21.08 -13.92
CA ALA A 263 -1.05 21.49 -14.25
C ALA A 263 -0.60 22.66 -13.39
N GLY A 264 0.64 22.58 -12.91
CA GLY A 264 1.21 23.59 -12.04
C GLY A 264 0.99 23.33 -10.57
N ARG A 265 0.05 22.45 -10.20
CA ARG A 265 -0.21 22.20 -8.78
C ARG A 265 -0.62 20.75 -8.53
N ALA A 266 -0.08 19.81 -9.30
CA ALA A 266 -0.42 18.41 -9.12
C ALA A 266 0.07 17.91 -7.76
N THR A 267 -0.72 17.05 -7.13
CA THR A 267 -0.33 16.35 -5.91
C THR A 267 -0.28 14.84 -6.07
N VAL A 268 -0.91 14.29 -7.10
CA VAL A 268 -0.91 12.86 -7.37
C VAL A 268 -0.33 12.66 -8.77
N PHE A 269 0.69 11.81 -8.88
CA PHE A 269 1.45 11.64 -10.10
C PHE A 269 1.33 10.20 -10.55
N ILE A 270 0.66 9.98 -11.69
CA ILE A 270 0.39 8.64 -12.19
C ILE A 270 1.33 8.39 -13.37
N PHE A 271 2.22 7.44 -13.20
CA PHE A 271 3.23 7.15 -14.23
C PHE A 271 2.68 6.13 -15.23
N PRO A 272 3.08 6.27 -16.50
CA PRO A 272 2.47 5.41 -17.55
C PRO A 272 2.85 3.95 -17.44
N ASP A 273 4.00 3.62 -16.85
CA ASP A 273 4.42 2.24 -16.71
C ASP A 273 5.43 2.15 -15.57
N LEU A 274 5.87 0.92 -15.29
CA LEU A 274 6.76 0.69 -14.16
C LEU A 274 8.17 1.19 -14.44
N ASN A 275 8.65 1.03 -15.68
CA ASN A 275 9.90 1.65 -16.09
C ASN A 275 9.93 3.12 -15.70
N THR A 276 8.88 3.86 -16.09
CA THR A 276 8.84 5.29 -15.81
C THR A 276 8.68 5.56 -14.33
N GLY A 277 7.75 4.86 -13.67
CA GLY A 277 7.47 5.14 -12.27
C GLY A 277 8.64 4.83 -11.36
N ASN A 278 9.23 3.65 -11.51
CA ASN A 278 10.31 3.25 -10.60
C ASN A 278 11.57 4.06 -10.85
N THR A 279 11.89 4.36 -12.12
CA THR A 279 13.08 5.14 -12.42
C THR A 279 12.95 6.55 -11.87
N THR A 280 11.80 7.20 -12.10
CA THR A 280 11.58 8.54 -11.58
C THR A 280 11.56 8.55 -10.06
N TYR A 281 10.90 7.55 -9.45
CA TYR A 281 10.87 7.47 -7.99
C TYR A 281 12.29 7.36 -7.42
N LYS A 282 13.11 6.47 -7.99
CA LYS A 282 14.46 6.30 -7.48
C LYS A 282 15.32 7.54 -7.72
N ALA A 283 15.16 8.20 -8.87
CA ALA A 283 15.97 9.37 -9.18
C ALA A 283 15.62 10.54 -8.28
N VAL A 284 14.32 10.77 -8.05
CA VAL A 284 13.89 11.91 -7.24
C VAL A 284 14.33 11.72 -5.79
N GLN A 285 14.30 10.48 -5.30
CA GLN A 285 14.74 10.21 -3.92
C GLN A 285 16.20 10.63 -3.72
N ARG A 286 17.04 10.45 -4.75
CA ARG A 286 18.44 10.82 -4.63
C ARG A 286 18.67 12.30 -4.93
N SER A 287 17.93 12.86 -5.90
CA SER A 287 18.22 14.21 -6.38
C SER A 287 17.71 15.28 -5.42
N ALA A 288 16.46 15.15 -4.96
CA ALA A 288 15.93 16.06 -3.95
C ALA A 288 16.27 15.63 -2.54
N ASP A 289 16.82 14.43 -2.36
CA ASP A 289 17.20 13.89 -1.06
C ASP A 289 16.05 13.97 -0.07
N LEU A 290 14.83 13.73 -0.57
CA LEU A 290 13.64 13.75 0.27
C LEU A 290 13.43 12.36 0.87
N ILE A 291 12.30 12.17 1.54
CA ILE A 291 11.98 10.94 2.25
C ILE A 291 10.71 10.35 1.67
N SER A 292 10.68 9.03 1.52
CA SER A 292 9.53 8.32 1.00
C SER A 292 8.99 7.35 2.03
N ILE A 293 7.68 7.14 1.99
CA ILE A 293 7.01 6.09 2.74
C ILE A 293 6.25 5.22 1.77
N GLY A 294 6.45 3.91 1.85
CA GLY A 294 5.81 2.98 0.97
C GLY A 294 6.74 1.86 0.53
N PRO A 295 6.32 1.07 -0.47
CA PRO A 295 5.06 1.26 -1.21
C PRO A 295 3.84 0.74 -0.46
N MET A 296 2.69 1.36 -0.68
CA MET A 296 1.44 0.95 -0.07
C MET A 296 0.54 0.33 -1.13
N LEU A 297 0.07 -0.88 -0.89
CA LEU A 297 -0.85 -1.52 -1.81
C LEU A 297 -2.21 -0.83 -1.78
N GLN A 298 -2.92 -0.92 -2.91
CA GLN A 298 -4.26 -0.37 -3.00
C GLN A 298 -5.06 -1.26 -3.94
N GLY A 299 -6.38 -1.28 -3.72
CA GLY A 299 -7.27 -2.11 -4.50
C GLY A 299 -7.58 -3.46 -3.91
N MET A 300 -6.91 -3.85 -2.82
CA MET A 300 -7.22 -5.10 -2.15
C MET A 300 -8.50 -4.96 -1.34
N ARG A 301 -9.26 -6.05 -1.24
CA ARG A 301 -10.52 -6.01 -0.53
C ARG A 301 -10.33 -5.65 0.94
N LYS A 302 -9.29 -6.20 1.57
CA LYS A 302 -8.88 -5.85 2.92
C LYS A 302 -7.40 -5.54 2.91
N PRO A 303 -6.95 -4.60 3.75
CA PRO A 303 -5.60 -4.05 3.59
C PRO A 303 -4.51 -5.10 3.82
N VAL A 304 -3.57 -5.14 2.88
CA VAL A 304 -2.36 -5.96 2.97
C VAL A 304 -1.19 -5.09 2.50
N ASN A 305 -0.07 -5.17 3.20
CA ASN A 305 1.11 -4.42 2.80
C ASN A 305 2.36 -5.24 3.04
N ASP A 306 3.34 -5.04 2.16
CA ASP A 306 4.60 -5.78 2.15
C ASP A 306 5.74 -4.84 2.51
N LEU A 307 6.63 -5.30 3.38
CA LEU A 307 7.79 -4.55 3.80
C LEU A 307 8.98 -4.81 2.88
N SER A 308 9.93 -3.88 2.88
CA SER A 308 11.23 -4.15 2.29
C SER A 308 12.02 -5.07 3.20
N ARG A 309 12.80 -5.97 2.60
CA ARG A 309 13.61 -6.89 3.40
C ARG A 309 14.69 -6.15 4.19
N GLY A 310 14.99 -4.92 3.83
CA GLY A 310 15.94 -4.12 4.58
C GLY A 310 15.29 -3.02 5.37
N ALA A 311 13.98 -3.15 5.61
CA ALA A 311 13.25 -2.13 6.34
C ALA A 311 13.78 -1.97 7.77
N LEU A 312 13.62 -0.78 8.32
CA LEU A 312 13.95 -0.50 9.71
C LEU A 312 12.70 -0.60 10.57
N VAL A 313 12.91 -0.52 11.89
CA VAL A 313 11.81 -0.64 12.83
C VAL A 313 10.77 0.45 12.57
N ASP A 314 11.23 1.70 12.45
CA ASP A 314 10.29 2.80 12.20
C ASP A 314 9.57 2.62 10.87
N ASP A 315 10.24 2.05 9.87
CA ASP A 315 9.55 1.76 8.60
C ASP A 315 8.39 0.80 8.82
N ILE A 316 8.60 -0.24 9.63
CA ILE A 316 7.54 -1.19 9.94
C ILE A 316 6.44 -0.51 10.73
N VAL A 317 6.81 0.37 11.66
CA VAL A 317 5.82 1.04 12.50
C VAL A 317 4.82 1.80 11.64
N TYR A 318 5.32 2.63 10.72
CA TYR A 318 4.41 3.45 9.91
C TYR A 318 3.71 2.62 8.82
N THR A 319 4.28 1.47 8.44
CA THR A 319 3.58 0.58 7.52
C THR A 319 2.36 -0.05 8.19
N ILE A 320 2.48 -0.40 9.48
CA ILE A 320 1.32 -0.89 10.23
C ILE A 320 0.28 0.22 10.34
N ALA A 321 0.73 1.46 10.52
CA ALA A 321 -0.20 2.59 10.58
C ALA A 321 -0.96 2.72 9.27
N LEU A 322 -0.24 2.72 8.13
CA LEU A 322 -0.91 2.79 6.83
C LEU A 322 -1.96 1.69 6.69
N THR A 323 -1.62 0.48 7.12
CA THR A 323 -2.54 -0.64 6.97
C THR A 323 -3.79 -0.45 7.82
N ALA A 324 -3.62 0.02 9.06
CA ALA A 324 -4.77 0.29 9.92
C ALA A 324 -5.62 1.42 9.35
N ILE A 325 -4.98 2.47 8.82
CA ILE A 325 -5.73 3.57 8.23
C ILE A 325 -6.50 3.10 7.01
N GLN A 326 -5.89 2.25 6.17
CA GLN A 326 -6.60 1.70 5.03
C GLN A 326 -7.81 0.88 5.47
N SER A 327 -7.73 0.24 6.63
CA SER A 327 -8.87 -0.55 7.12
C SER A 327 -10.05 0.35 7.47
N ALA A 328 -9.78 1.52 8.07
CA ALA A 328 -10.85 2.46 8.38
C ALA A 328 -11.40 3.13 7.13
N GLN A 329 -10.59 3.21 6.06
CA GLN A 329 -11.08 3.76 4.80
C GLN A 329 -12.19 2.88 4.22
N GLN A 330 -12.14 1.58 4.47
CA GLN A 330 -13.10 0.64 3.89
C GLN A 330 -14.07 0.13 4.93
C1 EDO B . 7.12 -6.43 -10.19
O1 EDO B . 7.92 -7.39 -10.89
C2 EDO B . 5.85 -7.09 -9.70
O2 EDO B . 6.16 -8.10 -8.73
C1 EDO C . 11.82 -6.53 -0.61
O1 EDO C . 11.66 -7.95 -0.81
C2 EDO C . 13.30 -6.17 -0.70
O2 EDO C . 13.45 -4.74 -0.68
C1 EDO D . 5.62 26.60 -8.36
O1 EDO D . 4.59 26.11 -9.22
C2 EDO D . 6.86 26.92 -9.19
O2 EDO D . 6.52 27.84 -10.23
C1 EDO E . -6.84 -0.38 -23.65
O1 EDO E . -7.19 -0.66 -22.29
C2 EDO E . -5.43 -0.89 -23.94
O2 EDO E . -4.47 0.16 -23.72
K K F . 9.30 -8.33 1.03
CL CL G . -4.42 16.25 -25.18
P PO4 H . 13.51 2.79 -1.31
O1 PO4 H . 14.39 1.76 -0.65
O2 PO4 H . 12.20 2.16 -1.71
O3 PO4 H . 13.26 3.93 -0.35
O4 PO4 H . 14.20 3.33 -2.55
P PO4 I . 3.61 1.78 -22.36
O1 PO4 I . 3.43 0.56 -21.47
O2 PO4 I . 4.83 1.59 -23.23
O3 PO4 I . 3.79 3.00 -21.50
O4 PO4 I . 2.39 1.95 -23.23
I IOD J . 9.44 17.41 -7.45
I IOD K . 7.90 21.64 -0.42
NA NA L . 8.26 20.12 -7.00
#